data_3VEZ
#
_entry.id   3VEZ
#
_cell.length_a   99.147
_cell.length_b   99.147
_cell.length_c   281.156
_cell.angle_alpha   90.000
_cell.angle_beta   90.000
_cell.angle_gamma   120.000
#
_symmetry.space_group_name_H-M   'P 61 2 2'
#
loop_
_entity.id
_entity.type
_entity.pdbx_description
1 polymer 'O-carbamoyltransferase TobZ'
2 non-polymer 'FE (II) ION'
3 non-polymer 'MAGNESIUM ION'
4 non-polymer "ADENOSINE-5'-DIPHOSPHATE"
5 non-polymer "ADENOSINE-5'-TRIPHOSPHATE"
6 non-polymer 'PHOSPHORIC ACID MONO(FORMAMIDE)ESTER'
7 non-polymer 'POTASSIUM ION'
8 water water
#
_entity_poly.entity_id   1
_entity_poly.type   'polypeptide(L)'
_entity_poly.pdbx_seq_one_letter_code
;HHHHHHMRVLGLNGWPRDFHDASAALLVDGRIAAFAEEERFTRKKHGYNTAPVQAAAFCLAQAGLTVDDLDAVAFGWDLP
AMYRERLGGWPHSDSEALDILLPRDVFPRRTDPPLHFVQHHLAHAASAYYFSGEDRGAVLIVDGQGEEECVTLAHAEGGK
ITVLDTVPGAWSLGFFYEHVSEYTGLGGDNPGKLMGLAAHGTTVDETLSAFAFDSDGYRLNLIDPQARDPEDWDEYSVTE
RAWFAHLERIYRLPPNEFVRRYDPAKGRVVRDTRRDPYEYRDLAATAQAALERAVFGLADSVLARTGERTLFVAGGVGLN
ATMNGKLLTRSTVDKMFVPPVASDIGVSLGAAAAVAVELGDRIAPMGDTAAWGPEFSPDQVRAALDRTGLAYREPANLER
EVAALIASGKVVGWAQGRGEVGPRALGQRSLLGSAHSPTMRDHINLRVADREWWRPFAPSMLRSVSDQVLEVDADFPYMI
MTTKVRAAYAERLPSVVHEDWSTRPQTVTEASNPRYHRMLTELGDLVGDPVCLNTSFNDRGEPIVSSPADALLTFSRLPI
DALAVGPYLVTKDLRH
;
_entity_poly.pdbx_strand_id   A
#
# COMPACT_ATOMS: atom_id res chain seq x y z
N MET A 7 -4.86 -6.83 26.35
CA MET A 7 -5.67 -7.81 25.62
C MET A 7 -4.95 -8.39 24.41
N ARG A 8 -5.40 -9.56 23.98
CA ARG A 8 -4.96 -10.13 22.70
C ARG A 8 -6.10 -10.13 21.69
N VAL A 9 -5.96 -9.31 20.65
CA VAL A 9 -7.05 -9.11 19.70
C VAL A 9 -6.58 -9.39 18.27
N LEU A 10 -7.26 -10.31 17.59
CA LEU A 10 -6.91 -10.63 16.20
C LEU A 10 -7.84 -9.91 15.22
N GLY A 11 -7.27 -9.01 14.42
CA GLY A 11 -8.05 -8.27 13.45
C GLY A 11 -7.99 -8.93 12.09
N LEU A 12 -9.10 -8.87 11.36
CA LEU A 12 -9.24 -9.60 10.12
C LEU A 12 -9.85 -8.76 9.00
N ASN A 13 -9.42 -9.04 7.77
CA ASN A 13 -10.11 -8.57 6.56
C ASN A 13 -10.08 -9.69 5.54
N GLY A 14 -11.05 -9.72 4.65
CA GLY A 14 -11.10 -10.77 3.66
C GLY A 14 -12.26 -11.70 3.94
N TRP A 15 -13.00 -12.02 2.89
CA TRP A 15 -14.22 -12.80 3.00
C TRP A 15 -14.38 -13.49 1.65
N PRO A 16 -14.99 -14.68 1.63
CA PRO A 16 -15.05 -15.48 0.38
C PRO A 16 -15.85 -14.83 -0.77
N ARG A 17 -16.77 -13.93 -0.46
CA ARG A 17 -17.59 -13.34 -1.52
C ARG A 17 -17.20 -11.90 -1.89
N ASP A 18 -16.92 -11.66 -3.16
CA ASP A 18 -16.60 -10.33 -3.69
C ASP A 18 -15.80 -9.46 -2.73
N PHE A 19 -14.58 -9.88 -2.41
CA PHE A 19 -13.73 -9.17 -1.47
C PHE A 19 -12.30 -9.09 -1.93
N HIS A 20 -11.58 -8.10 -1.42
CA HIS A 20 -10.18 -7.92 -1.80
C HIS A 20 -9.29 -7.58 -0.61
N ASP A 21 -7.98 -7.67 -0.81
CA ASP A 21 -6.97 -7.31 0.19
C ASP A 21 -7.12 -7.95 1.59
N ALA A 22 -7.41 -9.25 1.63
CA ALA A 22 -7.44 -10.00 2.87
C ALA A 22 -6.13 -9.85 3.63
N SER A 23 -6.23 -9.70 4.95
CA SER A 23 -5.05 -9.58 5.81
C SER A 23 -5.42 -9.91 7.24
N ALA A 24 -4.41 -10.15 8.07
CA ALA A 24 -4.64 -10.40 9.48
C ALA A 24 -3.62 -9.62 10.30
N ALA A 25 -4.04 -9.19 11.49
CA ALA A 25 -3.22 -8.39 12.37
C ALA A 25 -3.44 -8.85 13.81
N LEU A 26 -2.36 -9.09 14.55
CA LEU A 26 -2.51 -9.46 15.95
C LEU A 26 -1.96 -8.38 16.88
N LEU A 27 -2.84 -7.78 17.69
CA LEU A 27 -2.42 -6.84 18.72
C LEU A 27 -2.33 -7.54 20.09
N VAL A 28 -1.17 -7.46 20.72
CA VAL A 28 -1.00 -7.92 22.09
C VAL A 28 -0.67 -6.72 23.00
N ASP A 29 -1.60 -6.39 23.88
CA ASP A 29 -1.42 -5.22 24.75
C ASP A 29 -1.06 -3.97 23.94
N GLY A 30 -1.74 -3.78 22.82
CA GLY A 30 -1.56 -2.60 22.00
C GLY A 30 -0.35 -2.64 21.10
N ARG A 31 0.42 -3.72 21.16
CA ARG A 31 1.58 -3.83 20.29
C ARG A 31 1.29 -4.74 19.12
N ILE A 32 1.92 -4.44 17.98
CA ILE A 32 1.75 -5.30 16.84
C ILE A 32 2.64 -6.53 17.00
N ALA A 33 2.01 -7.66 17.28
CA ALA A 33 2.77 -8.89 17.44
C ALA A 33 3.13 -9.44 16.06
N ALA A 34 2.21 -9.28 15.12
CA ALA A 34 2.34 -9.82 13.78
C ALA A 34 1.24 -9.19 12.91
N PHE A 35 1.50 -9.12 11.60
CA PHE A 35 0.62 -8.45 10.64
C PHE A 35 1.13 -8.90 9.25
N ALA A 36 0.24 -9.41 8.42
CA ALA A 36 0.63 -9.84 7.07
C ALA A 36 -0.58 -9.85 6.16
N GLU A 37 -0.32 -9.79 4.85
CA GLU A 37 -1.36 -9.85 3.83
C GLU A 37 -1.43 -11.24 3.24
N GLU A 38 -2.64 -11.72 2.99
CA GLU A 38 -2.88 -13.05 2.44
C GLU A 38 -2.11 -13.30 1.14
N GLU A 39 -2.08 -12.33 0.25
CA GLU A 39 -1.44 -12.52 -1.06
C GLU A 39 0.01 -13.00 -0.96
N ARG A 40 0.70 -12.66 0.13
CA ARG A 40 2.10 -13.01 0.28
C ARG A 40 2.29 -14.51 0.43
N PHE A 41 1.28 -15.16 0.98
CA PHE A 41 1.36 -16.59 1.22
C PHE A 41 0.79 -17.34 0.03
N THR A 42 -0.30 -16.83 -0.53
CA THR A 42 -0.95 -17.47 -1.66
C THR A 42 -0.18 -17.21 -2.95
N ARG A 43 0.61 -16.15 -2.96
CA ARG A 43 1.33 -15.72 -4.15
C ARG A 43 0.32 -15.24 -5.22
N LYS A 44 -0.91 -14.95 -4.81
CA LYS A 44 -1.92 -14.43 -5.72
C LYS A 44 -2.26 -12.99 -5.34
N LYS A 45 -1.91 -12.05 -6.21
CA LYS A 45 -1.94 -10.62 -5.89
C LYS A 45 -3.33 -10.11 -5.46
N HIS A 46 -3.35 -9.29 -4.41
CA HIS A 46 -4.57 -8.62 -3.96
C HIS A 46 -5.48 -9.42 -3.01
N GLY A 47 -5.09 -10.65 -2.72
CA GLY A 47 -5.84 -11.47 -1.78
C GLY A 47 -7.34 -11.47 -2.01
N TYR A 48 -7.75 -11.78 -3.24
CA TYR A 48 -9.16 -11.75 -3.63
C TYR A 48 -9.99 -12.88 -3.04
N ASN A 49 -11.25 -12.59 -2.70
CA ASN A 49 -12.25 -13.61 -2.41
C ASN A 49 -11.83 -14.72 -1.45
N THR A 50 -11.30 -14.34 -0.30
CA THR A 50 -10.84 -15.34 0.65
C THR A 50 -10.80 -14.77 2.05
N ALA A 51 -11.13 -15.60 3.05
CA ALA A 51 -10.74 -15.28 4.42
C ALA A 51 -9.20 -15.26 4.49
N PRO A 52 -8.62 -14.46 5.40
CA PRO A 52 -7.16 -14.38 5.52
C PRO A 52 -6.58 -15.56 6.28
N VAL A 53 -6.91 -16.76 5.80
CA VAL A 53 -6.53 -18.01 6.45
C VAL A 53 -5.05 -18.12 6.76
N GLN A 54 -4.20 -18.00 5.75
CA GLN A 54 -2.76 -18.12 5.96
C GLN A 54 -2.16 -16.97 6.77
N ALA A 55 -2.62 -15.75 6.50
CA ALA A 55 -2.13 -14.58 7.23
C ALA A 55 -2.42 -14.71 8.73
N ALA A 56 -3.64 -15.11 9.08
CA ALA A 56 -3.98 -15.32 10.48
C ALA A 56 -3.26 -16.53 11.11
N ALA A 57 -3.04 -17.60 10.34
CA ALA A 57 -2.24 -18.72 10.86
C ALA A 57 -0.84 -18.27 11.22
N PHE A 58 -0.24 -17.46 10.35
CA PHE A 58 1.07 -16.86 10.65
C PHE A 58 1.03 -15.95 11.90
N CYS A 59 0.00 -15.14 12.05
CA CYS A 59 -0.05 -14.25 13.20
C CYS A 59 -0.02 -15.04 14.49
N LEU A 60 -0.82 -16.09 14.55
CA LEU A 60 -0.93 -16.92 15.74
C LEU A 60 0.36 -17.69 15.98
N ALA A 61 0.97 -18.22 14.93
CA ALA A 61 2.21 -18.97 15.08
C ALA A 61 3.30 -18.02 15.58
N GLN A 62 3.36 -16.84 14.98
CA GLN A 62 4.37 -15.85 15.38
C GLN A 62 4.30 -15.58 16.87
N ALA A 63 3.09 -15.36 17.39
CA ALA A 63 2.88 -15.01 18.78
C ALA A 63 2.76 -16.22 19.70
N GLY A 64 2.87 -17.42 19.13
CA GLY A 64 2.74 -18.64 19.89
C GLY A 64 1.38 -18.75 20.54
N LEU A 65 0.34 -18.43 19.79
CA LEU A 65 -1.01 -18.47 20.35
C LEU A 65 -1.93 -19.37 19.55
N THR A 66 -3.09 -19.64 20.14
CA THR A 66 -4.19 -20.30 19.46
C THR A 66 -5.40 -19.39 19.60
N VAL A 67 -6.45 -19.66 18.82
CA VAL A 67 -7.67 -18.91 18.95
C VAL A 67 -8.20 -18.88 20.40
N ASP A 68 -7.91 -19.91 21.20
CA ASP A 68 -8.36 -19.91 22.61
C ASP A 68 -7.63 -18.89 23.48
N ASP A 69 -6.52 -18.36 22.97
CA ASP A 69 -5.78 -17.35 23.70
C ASP A 69 -6.19 -15.94 23.34
N LEU A 70 -7.19 -15.80 22.46
CA LEU A 70 -7.63 -14.47 22.03
C LEU A 70 -8.78 -13.95 22.88
N ASP A 71 -8.73 -12.66 23.19
CA ASP A 71 -9.82 -12.00 23.90
C ASP A 71 -10.92 -11.52 22.96
N ALA A 72 -10.56 -11.27 21.71
CA ALA A 72 -11.54 -10.85 20.72
C ALA A 72 -11.01 -11.10 19.32
N VAL A 73 -11.93 -11.40 18.41
CA VAL A 73 -11.64 -11.37 16.97
C VAL A 73 -12.40 -10.19 16.37
N ALA A 74 -11.71 -9.38 15.57
CA ALA A 74 -12.30 -8.15 15.01
C ALA A 74 -12.33 -8.17 13.47
N PHE A 75 -13.48 -7.91 12.87
CA PHE A 75 -13.54 -7.81 11.42
C PHE A 75 -13.76 -6.37 10.93
N GLY A 76 -13.01 -5.98 9.91
CA GLY A 76 -12.94 -4.58 9.47
C GLY A 76 -14.03 -4.03 8.55
N TRP A 77 -15.22 -4.62 8.63
CA TRP A 77 -16.40 -4.13 7.94
C TRP A 77 -17.61 -4.51 8.80
N ASP A 78 -18.68 -3.74 8.72
CA ASP A 78 -19.92 -4.19 9.31
C ASP A 78 -20.58 -5.16 8.34
N LEU A 79 -20.08 -6.38 8.33
CA LEU A 79 -20.55 -7.40 7.40
C LEU A 79 -22.01 -7.76 7.60
N PRO A 80 -22.46 -7.91 8.87
CA PRO A 80 -23.89 -8.23 8.99
C PRO A 80 -24.76 -7.15 8.34
N ALA A 81 -24.38 -5.88 8.51
CA ALA A 81 -25.18 -4.78 7.97
C ALA A 81 -25.22 -4.77 6.44
N MET A 82 -24.08 -5.02 5.80
CA MET A 82 -24.06 -5.11 4.33
C MET A 82 -24.94 -6.25 3.82
N TYR A 83 -24.88 -7.40 4.48
CA TYR A 83 -25.75 -8.52 4.11
C TYR A 83 -27.24 -8.18 4.27
N ARG A 84 -27.57 -7.53 5.37
CA ARG A 84 -28.95 -7.11 5.62
C ARG A 84 -29.45 -6.13 4.57
N GLU A 85 -28.64 -5.13 4.27
CA GLU A 85 -29.02 -4.08 3.33
C GLU A 85 -29.02 -4.52 1.86
N ARG A 86 -27.95 -5.17 1.43
CA ARG A 86 -27.76 -5.43 0.01
C ARG A 86 -28.12 -6.86 -0.44
N LEU A 87 -28.26 -7.81 0.49
CA LEU A 87 -28.44 -9.21 0.11
C LEU A 87 -29.64 -9.91 0.77
N GLY A 88 -30.51 -9.14 1.41
CA GLY A 88 -31.72 -9.67 2.01
C GLY A 88 -31.53 -10.50 3.27
N GLY A 89 -30.54 -10.15 4.09
CA GLY A 89 -30.36 -10.84 5.36
C GLY A 89 -28.99 -11.44 5.62
N TRP A 90 -28.60 -11.41 6.90
CA TRP A 90 -27.36 -11.98 7.39
C TRP A 90 -27.67 -13.32 8.01
N PRO A 91 -27.22 -14.39 7.35
CA PRO A 91 -27.61 -15.76 7.70
C PRO A 91 -26.76 -16.45 8.78
N HIS A 92 -25.67 -15.83 9.22
CA HIS A 92 -24.70 -16.52 10.06
C HIS A 92 -24.79 -16.15 11.53
N SER A 93 -24.70 -17.16 12.37
CA SER A 93 -24.49 -16.94 13.79
C SER A 93 -23.05 -16.51 13.90
N ASP A 94 -22.68 -15.84 14.99
CA ASP A 94 -21.27 -15.55 15.19
C ASP A 94 -20.40 -16.80 15.02
N SER A 95 -20.87 -17.93 15.55
CA SER A 95 -20.12 -19.18 15.41
C SER A 95 -19.90 -19.58 13.95
N GLU A 96 -20.92 -19.44 13.14
CA GLU A 96 -20.82 -19.76 11.73
C GLU A 96 -19.95 -18.78 10.96
N ALA A 97 -19.96 -17.51 11.39
CA ALA A 97 -19.11 -16.52 10.77
C ALA A 97 -17.63 -16.81 11.05
N LEU A 98 -17.36 -17.22 12.29
CA LEU A 98 -16.01 -17.58 12.68
C LEU A 98 -15.50 -18.78 11.90
N ASP A 99 -16.37 -19.76 11.66
CA ASP A 99 -15.98 -20.95 10.90
C ASP A 99 -15.53 -20.59 9.51
N ILE A 100 -16.17 -19.57 8.93
CA ILE A 100 -15.77 -19.07 7.62
C ILE A 100 -14.48 -18.24 7.67
N LEU A 101 -14.36 -17.38 8.68
CA LEU A 101 -13.21 -16.47 8.79
C LEU A 101 -11.96 -17.21 9.24
N LEU A 102 -12.14 -18.19 10.11
CA LEU A 102 -11.05 -18.95 10.68
C LEU A 102 -11.39 -20.43 10.72
N PRO A 103 -11.31 -21.08 9.56
CA PRO A 103 -11.73 -22.48 9.40
C PRO A 103 -11.12 -23.38 10.47
N ARG A 104 -11.90 -24.29 11.03
CA ARG A 104 -11.47 -25.09 12.16
C ARG A 104 -10.32 -26.06 11.85
N ASP A 105 -10.21 -26.48 10.59
CA ASP A 105 -9.09 -27.35 10.21
C ASP A 105 -7.75 -26.62 10.30
N VAL A 106 -7.77 -25.29 10.23
CA VAL A 106 -6.54 -24.52 10.43
C VAL A 106 -6.54 -23.86 11.82
N PHE A 107 -7.73 -23.60 12.36
CA PHE A 107 -7.87 -22.86 13.61
C PHE A 107 -8.70 -23.61 14.64
N PRO A 108 -8.12 -24.65 15.25
CA PRO A 108 -8.86 -25.41 16.24
C PRO A 108 -9.20 -24.55 17.46
N ARG A 109 -10.38 -24.72 18.03
CA ARG A 109 -10.81 -23.88 19.17
C ARG A 109 -11.78 -24.62 20.09
N ARG A 110 -11.61 -24.40 21.40
CA ARG A 110 -12.49 -25.02 22.40
C ARG A 110 -13.83 -24.31 22.38
N THR A 111 -13.79 -22.98 22.23
CA THR A 111 -14.98 -22.15 22.28
C THR A 111 -14.83 -21.03 21.26
N ASP A 112 -15.84 -20.17 21.17
CA ASP A 112 -15.77 -19.02 20.28
C ASP A 112 -15.29 -17.75 20.96
N PRO A 113 -14.24 -17.13 20.42
CA PRO A 113 -13.85 -15.80 20.91
C PRO A 113 -14.95 -14.79 20.58
N PRO A 114 -15.11 -13.76 21.41
CA PRO A 114 -16.03 -12.67 21.07
C PRO A 114 -15.72 -12.12 19.68
N LEU A 115 -16.73 -12.10 18.80
CA LEU A 115 -16.58 -11.60 17.44
C LEU A 115 -17.12 -10.16 17.29
N HIS A 116 -16.26 -9.24 16.88
CA HIS A 116 -16.67 -7.85 16.69
C HIS A 116 -16.62 -7.42 15.23
N PHE A 117 -17.69 -6.76 14.76
CA PHE A 117 -17.69 -6.16 13.44
C PHE A 117 -17.54 -4.66 13.59
N VAL A 118 -16.48 -4.11 12.99
CA VAL A 118 -16.17 -2.69 13.05
C VAL A 118 -16.56 -1.99 11.73
N GLN A 119 -17.29 -0.87 11.79
CA GLN A 119 -17.59 -0.10 10.58
C GLN A 119 -16.31 0.13 9.79
N HIS A 120 -16.40 -0.07 8.48
CA HIS A 120 -15.24 -0.06 7.62
C HIS A 120 -14.37 1.20 7.71
N HIS A 121 -15.00 2.36 7.69
CA HIS A 121 -14.24 3.61 7.73
C HIS A 121 -13.65 3.89 9.11
N LEU A 122 -14.36 3.46 10.15
CA LEU A 122 -13.82 3.56 11.50
C LEU A 122 -12.53 2.75 11.57
N ALA A 123 -12.57 1.52 11.04
CA ALA A 123 -11.40 0.65 10.96
C ALA A 123 -10.22 1.32 10.23
N HIS A 124 -10.50 1.92 9.08
CA HIS A 124 -9.52 2.75 8.38
C HIS A 124 -8.97 3.84 9.31
N ALA A 125 -9.88 4.60 9.91
CA ALA A 125 -9.52 5.73 10.77
C ALA A 125 -8.66 5.29 11.95
N ALA A 126 -9.08 4.19 12.58
CA ALA A 126 -8.33 3.60 13.69
C ALA A 126 -6.89 3.25 13.27
N SER A 127 -6.71 2.80 12.03
CA SER A 127 -5.39 2.34 11.59
C SER A 127 -4.41 3.50 11.43
N ALA A 128 -4.94 4.72 11.36
CA ALA A 128 -4.09 5.90 11.26
C ALA A 128 -3.94 6.61 12.61
N TYR A 129 -5.06 7.00 13.20
CA TYR A 129 -5.03 7.68 14.49
C TYR A 129 -4.18 6.92 15.52
N TYR A 130 -4.67 5.76 15.93
CA TYR A 130 -4.08 5.04 17.05
C TYR A 130 -2.59 4.68 16.87
N PHE A 131 -2.14 4.59 15.62
CA PHE A 131 -0.74 4.20 15.37
C PHE A 131 0.19 5.36 15.02
N SER A 132 -0.34 6.59 14.99
CA SER A 132 0.39 7.78 14.52
C SER A 132 1.34 8.37 15.55
N GLY A 133 1.09 8.09 16.82
CA GLY A 133 1.85 8.70 17.90
C GLY A 133 1.48 10.16 18.12
N GLU A 134 0.24 10.52 17.79
CA GLU A 134 -0.25 11.88 17.96
C GLU A 134 -1.56 11.85 18.74
N ASP A 135 -1.67 12.75 19.73
CA ASP A 135 -2.82 12.79 20.63
C ASP A 135 -4.13 13.05 19.93
N ARG A 136 -4.09 13.90 18.92
CA ARG A 136 -5.32 14.34 18.29
C ARG A 136 -5.05 14.83 16.89
N GLY A 137 -6.09 14.86 16.07
CA GLY A 137 -5.98 15.39 14.73
C GLY A 137 -7.28 15.28 13.94
N ALA A 138 -7.24 15.80 12.72
CA ALA A 138 -8.38 15.68 11.83
C ALA A 138 -8.24 14.40 11.03
N VAL A 139 -9.35 13.69 10.84
CA VAL A 139 -9.32 12.43 10.08
C VAL A 139 -10.02 12.55 8.75
N LEU A 140 -9.29 12.22 7.68
CA LEU A 140 -9.82 12.15 6.33
C LEU A 140 -9.74 10.71 5.82
N ILE A 141 -10.88 10.06 5.68
CA ILE A 141 -10.93 8.75 5.02
C ILE A 141 -11.51 8.82 3.59
N VAL A 142 -10.69 8.42 2.61
CA VAL A 142 -11.11 8.41 1.22
C VAL A 142 -10.73 7.09 0.56
N ASP A 143 -11.71 6.27 0.22
CA ASP A 143 -11.42 5.03 -0.51
C ASP A 143 -12.38 4.79 -1.67
N GLY A 144 -12.62 3.53 -1.99
CA GLY A 144 -13.61 3.22 -3.00
C GLY A 144 -14.96 3.39 -2.33
N GLN A 145 -15.27 2.50 -1.40
CA GLN A 145 -16.52 2.56 -0.67
C GLN A 145 -16.51 1.58 0.53
N GLY A 146 -16.94 2.08 1.69
CA GLY A 146 -17.23 1.23 2.82
C GLY A 146 -18.60 0.63 2.61
N GLU A 147 -19.39 0.51 3.66
CA GLU A 147 -20.71 -0.09 3.53
C GLU A 147 -21.66 0.77 2.69
N GLU A 148 -21.56 2.10 2.84
CA GLU A 148 -22.43 3.07 2.18
C GLU A 148 -21.62 4.24 1.59
N GLU A 149 -20.63 4.72 2.34
CA GLU A 149 -19.96 5.98 2.03
C GLU A 149 -18.59 5.79 1.42
N CYS A 150 -18.13 6.80 0.70
CA CYS A 150 -16.82 6.77 0.04
C CYS A 150 -15.83 7.72 0.68
N VAL A 151 -16.34 8.62 1.53
CA VAL A 151 -15.51 9.58 2.23
C VAL A 151 -16.03 9.70 3.66
N THR A 152 -15.13 9.80 4.62
CA THR A 152 -15.51 10.15 5.99
C THR A 152 -14.60 11.24 6.55
N LEU A 153 -15.22 12.29 7.09
CA LEU A 153 -14.49 13.30 7.81
C LEU A 153 -14.76 13.08 9.29
N ALA A 154 -13.71 13.08 10.10
CA ALA A 154 -13.87 12.78 11.51
C ALA A 154 -12.88 13.55 12.37
N HIS A 155 -13.20 13.64 13.66
CA HIS A 155 -12.32 14.25 14.63
C HIS A 155 -11.73 13.20 15.54
N ALA A 156 -10.40 13.18 15.64
CA ALA A 156 -9.71 12.31 16.58
C ALA A 156 -9.08 13.09 17.74
N GLU A 157 -9.52 12.79 18.96
CA GLU A 157 -8.96 13.39 20.16
C GLU A 157 -9.21 12.52 21.39
N GLY A 158 -8.27 12.55 22.33
CA GLY A 158 -8.37 11.73 23.53
C GLY A 158 -8.88 10.33 23.27
N GLY A 159 -8.25 9.63 22.35
CA GLY A 159 -8.58 8.24 22.06
C GLY A 159 -9.92 8.00 21.40
N LYS A 160 -10.63 9.06 21.01
CA LYS A 160 -11.95 8.91 20.37
C LYS A 160 -11.97 9.38 18.92
N ILE A 161 -12.71 8.65 18.09
CA ILE A 161 -12.94 9.06 16.71
C ILE A 161 -14.41 9.37 16.51
N THR A 162 -14.72 10.63 16.22
CA THR A 162 -16.11 11.05 16.03
C THR A 162 -16.34 11.51 14.59
N VAL A 163 -17.36 10.97 13.95
CA VAL A 163 -17.62 11.29 12.54
C VAL A 163 -18.40 12.59 12.40
N LEU A 164 -17.91 13.49 11.54
CA LEU A 164 -18.59 14.75 11.26
C LEU A 164 -19.48 14.63 10.04
N ASP A 165 -18.99 13.91 9.03
CA ASP A 165 -19.70 13.84 7.75
C ASP A 165 -19.20 12.72 6.84
N THR A 166 -20.08 12.29 5.94
CA THR A 166 -19.72 11.31 4.92
C THR A 166 -20.25 11.72 3.55
N VAL A 167 -19.68 11.13 2.51
CA VAL A 167 -20.13 11.33 1.14
C VAL A 167 -20.56 9.97 0.62
N PRO A 168 -21.71 9.90 -0.08
CA PRO A 168 -22.23 8.59 -0.52
C PRO A 168 -21.39 7.92 -1.61
N GLY A 169 -21.46 6.59 -1.68
CA GLY A 169 -20.62 5.82 -2.57
C GLY A 169 -20.57 6.21 -4.04
N ALA A 170 -21.70 6.65 -4.60
CA ALA A 170 -21.74 6.97 -6.01
C ALA A 170 -20.77 8.09 -6.39
N TRP A 171 -20.38 8.92 -5.42
CA TRP A 171 -19.44 10.01 -5.71
C TRP A 171 -17.99 9.64 -5.40
N SER A 172 -17.74 8.35 -5.21
CA SER A 172 -16.42 7.85 -4.83
C SER A 172 -15.28 8.41 -5.69
N LEU A 173 -14.22 8.89 -5.04
CA LEU A 173 -13.04 9.36 -5.75
C LEU A 173 -12.15 8.18 -6.12
N GLY A 174 -12.24 7.09 -5.34
CA GLY A 174 -11.45 5.91 -5.61
C GLY A 174 -12.01 5.14 -6.80
N PHE A 175 -13.33 5.03 -6.88
CA PHE A 175 -13.96 4.39 -8.03
C PHE A 175 -13.58 5.19 -9.26
N PHE A 176 -13.89 6.48 -9.22
CA PHE A 176 -13.45 7.42 -10.25
C PHE A 176 -12.04 7.13 -10.72
N TYR A 177 -11.08 7.17 -9.80
CA TYR A 177 -9.69 7.03 -10.17
C TYR A 177 -9.46 5.63 -10.77
N GLU A 178 -10.08 4.63 -10.19
CA GLU A 178 -10.01 3.25 -10.69
C GLU A 178 -10.56 3.11 -12.11
N HIS A 179 -11.68 3.75 -12.36
CA HIS A 179 -12.33 3.66 -13.67
C HIS A 179 -11.44 4.29 -14.73
N VAL A 180 -10.84 5.44 -14.41
CA VAL A 180 -9.89 6.09 -15.32
C VAL A 180 -8.67 5.20 -15.55
N SER A 181 -8.22 4.54 -14.49
CA SER A 181 -7.12 3.60 -14.59
C SER A 181 -7.44 2.40 -15.52
N GLU A 182 -8.63 1.83 -15.35
CA GLU A 182 -9.15 0.81 -16.27
C GLU A 182 -9.29 1.33 -17.71
N TYR A 183 -9.86 2.51 -17.86
CA TYR A 183 -10.10 3.12 -19.17
C TYR A 183 -8.82 3.24 -20.00
N THR A 184 -7.72 3.60 -19.35
CA THR A 184 -6.44 3.82 -20.04
C THR A 184 -5.72 2.53 -20.41
N GLY A 185 -6.20 1.40 -19.88
CA GLY A 185 -5.56 0.13 -20.16
C GLY A 185 -4.61 -0.32 -19.08
N LEU A 186 -4.29 0.57 -18.14
CA LEU A 186 -3.45 0.18 -17.02
C LEU A 186 -4.21 -0.78 -16.11
N GLY A 187 -5.52 -0.69 -16.11
CA GLY A 187 -6.37 -1.54 -15.28
C GLY A 187 -6.80 -0.91 -13.98
N GLY A 188 -8.02 -1.21 -13.55
CA GLY A 188 -8.56 -0.69 -12.31
C GLY A 188 -7.85 -1.24 -11.08
N ASP A 189 -7.10 -2.32 -11.25
CA ASP A 189 -6.32 -2.90 -10.16
C ASP A 189 -4.91 -2.30 -10.04
N ASN A 190 -4.61 -1.31 -10.90
CA ASN A 190 -3.28 -0.71 -10.93
C ASN A 190 -3.31 0.82 -10.87
N PRO A 191 -4.12 1.38 -9.96
CA PRO A 191 -4.23 2.85 -9.88
C PRO A 191 -2.86 3.51 -9.65
N GLY A 192 -1.97 2.86 -8.92
CA GLY A 192 -0.61 3.39 -8.74
C GLY A 192 0.13 3.71 -10.02
N LYS A 193 -0.20 2.99 -11.09
CA LYS A 193 0.42 3.23 -12.38
C LYS A 193 -0.15 4.48 -13.04
N LEU A 194 -1.46 4.65 -12.96
CA LEU A 194 -2.10 5.90 -13.36
C LEU A 194 -1.36 7.09 -12.72
N MET A 195 -1.04 6.97 -11.42
CA MET A 195 -0.37 8.04 -10.70
C MET A 195 0.98 8.38 -11.32
N GLY A 196 1.76 7.36 -11.64
CA GLY A 196 3.07 7.55 -12.22
C GLY A 196 3.03 8.04 -13.66
N LEU A 197 1.93 7.74 -14.34
CA LEU A 197 1.74 8.19 -15.72
C LEU A 197 1.39 9.68 -15.76
N ALA A 198 0.75 10.17 -14.70
CA ALA A 198 0.27 11.57 -14.64
C ALA A 198 1.38 12.59 -14.91
N ALA A 199 2.54 12.35 -14.31
CA ALA A 199 3.68 13.24 -14.43
C ALA A 199 4.10 13.47 -15.86
N HIS A 200 3.71 12.55 -16.75
CA HIS A 200 4.18 12.59 -18.12
C HIS A 200 3.21 13.35 -19.02
N GLY A 201 2.06 13.74 -18.49
CA GLY A 201 1.03 14.33 -19.32
C GLY A 201 0.70 15.76 -18.96
N THR A 202 -0.28 16.32 -19.64
CA THR A 202 -0.63 17.72 -19.47
C THR A 202 -2.10 17.87 -19.12
N THR A 203 -2.37 18.69 -18.11
CA THR A 203 -3.76 18.97 -17.70
C THR A 203 -4.25 20.22 -18.41
N VAL A 204 -5.48 20.18 -18.88
CA VAL A 204 -6.04 21.34 -19.56
C VAL A 204 -7.34 21.82 -18.89
N ASP A 205 -8.07 20.88 -18.27
CA ASP A 205 -9.36 21.16 -17.65
C ASP A 205 -9.59 20.17 -16.52
N GLU A 206 -9.17 20.54 -15.32
CA GLU A 206 -9.11 19.58 -14.21
C GLU A 206 -10.47 19.17 -13.65
N THR A 207 -11.55 19.59 -14.32
CA THR A 207 -12.89 19.22 -13.92
C THR A 207 -13.41 18.04 -14.71
N LEU A 208 -12.78 17.76 -15.86
CA LEU A 208 -13.24 16.70 -16.75
C LEU A 208 -14.72 16.86 -17.12
N SER A 209 -15.22 18.10 -17.02
CA SER A 209 -16.65 18.38 -17.25
C SER A 209 -17.54 17.46 -16.43
N ALA A 210 -17.10 17.15 -15.21
CA ALA A 210 -17.85 16.24 -14.35
C ALA A 210 -17.82 16.75 -12.92
N PHE A 211 -16.62 17.12 -12.48
CA PHE A 211 -16.43 17.67 -11.15
C PHE A 211 -16.69 19.17 -11.12
N ALA A 212 -17.27 19.64 -10.01
CA ALA A 212 -17.25 21.05 -9.65
C ALA A 212 -16.57 21.16 -8.29
N PHE A 213 -15.50 21.94 -8.21
CA PHE A 213 -14.71 22.03 -6.98
C PHE A 213 -15.10 23.22 -6.10
N ASP A 214 -15.08 23.04 -4.79
CA ASP A 214 -15.28 24.14 -3.85
C ASP A 214 -14.31 24.02 -2.69
N SER A 215 -14.39 24.97 -1.76
CA SER A 215 -13.42 25.08 -0.67
C SER A 215 -13.48 23.95 0.39
N ASP A 216 -14.58 23.21 0.41
CA ASP A 216 -14.75 22.07 1.33
C ASP A 216 -14.66 20.72 0.63
N GLY A 217 -14.43 20.70 -0.67
CA GLY A 217 -14.42 19.44 -1.38
C GLY A 217 -14.81 19.56 -2.83
N TYR A 218 -15.86 18.84 -3.21
CA TYR A 218 -16.20 18.69 -4.61
C TYR A 218 -17.65 18.34 -4.79
N ARG A 219 -18.10 18.43 -6.04
CA ARG A 219 -19.40 17.93 -6.44
C ARG A 219 -19.25 17.13 -7.72
N LEU A 220 -20.04 16.07 -7.83
CA LEU A 220 -20.09 15.25 -9.02
C LEU A 220 -21.47 15.37 -9.65
N ASN A 221 -21.65 16.43 -10.44
N ASN A 221 -21.65 16.40 -10.45
CA ASN A 221 -22.90 16.64 -11.16
CA ASN A 221 -22.94 16.61 -11.10
C ASN A 221 -23.19 15.49 -12.11
C ASN A 221 -23.17 15.57 -12.20
N LEU A 222 -22.13 14.80 -12.51
CA LEU A 222 -22.23 13.65 -13.40
C LEU A 222 -23.14 12.53 -12.85
N ILE A 223 -23.03 12.21 -11.56
CA ILE A 223 -23.79 11.09 -10.99
C ILE A 223 -24.75 11.54 -9.90
N ASP A 224 -25.95 11.00 -9.91
CA ASP A 224 -26.86 11.19 -8.79
C ASP A 224 -26.19 10.61 -7.55
N PRO A 225 -25.92 11.46 -6.56
CA PRO A 225 -25.19 11.03 -5.36
C PRO A 225 -25.87 9.88 -4.60
N GLN A 226 -27.18 9.75 -4.73
CA GLN A 226 -27.90 8.69 -4.04
C GLN A 226 -28.19 7.51 -4.97
N ALA A 227 -27.46 7.44 -6.08
CA ALA A 227 -27.57 6.33 -7.00
C ALA A 227 -27.04 5.06 -6.35
N ARG A 228 -27.66 3.93 -6.65
CA ARG A 228 -27.32 2.69 -5.97
C ARG A 228 -27.54 1.47 -6.84
N ASP A 229 -26.59 0.55 -6.81
CA ASP A 229 -26.77 -0.71 -7.49
C ASP A 229 -27.68 -1.63 -6.66
N PRO A 230 -28.87 -1.95 -7.21
CA PRO A 230 -29.80 -2.89 -6.58
C PRO A 230 -29.41 -4.35 -6.89
N GLU A 231 -28.38 -4.51 -7.71
CA GLU A 231 -27.89 -5.84 -8.10
C GLU A 231 -26.45 -6.07 -7.65
N ASP A 232 -26.12 -5.60 -6.45
CA ASP A 232 -24.76 -5.71 -5.92
C ASP A 232 -24.73 -5.10 -4.52
N TRP A 233 -23.56 -5.05 -3.91
CA TRP A 233 -23.47 -4.44 -2.57
C TRP A 233 -22.50 -3.26 -2.47
N ASP A 234 -22.03 -2.79 -3.62
CA ASP A 234 -21.42 -1.48 -3.70
C ASP A 234 -21.70 -0.85 -5.06
N GLU A 235 -21.23 0.38 -5.23
CA GLU A 235 -21.63 1.23 -6.36
C GLU A 235 -20.61 1.23 -7.51
N TYR A 236 -19.70 0.26 -7.49
CA TYR A 236 -18.68 0.14 -8.53
C TYR A 236 -19.25 0.10 -9.95
N SER A 237 -20.16 -0.82 -10.21
CA SER A 237 -20.70 -1.00 -11.57
C SER A 237 -21.50 0.20 -12.05
N VAL A 238 -22.24 0.83 -11.15
CA VAL A 238 -22.99 2.02 -11.51
C VAL A 238 -22.02 3.15 -11.85
N THR A 239 -21.04 3.39 -10.98
CA THR A 239 -20.06 4.43 -11.24
C THR A 239 -19.21 4.08 -12.47
N GLU A 240 -19.03 2.80 -12.73
CA GLU A 240 -18.24 2.40 -13.89
C GLU A 240 -18.95 2.78 -15.19
N ARG A 241 -20.23 2.46 -15.29
CA ARG A 241 -20.99 2.74 -16.50
C ARG A 241 -21.01 4.25 -16.76
N ALA A 242 -21.22 5.01 -15.69
CA ALA A 242 -21.32 6.46 -15.81
C ALA A 242 -19.98 7.11 -16.20
N TRP A 243 -18.90 6.74 -15.54
CA TRP A 243 -17.60 7.29 -15.91
C TRP A 243 -17.14 6.90 -17.32
N PHE A 244 -17.30 5.63 -17.67
CA PHE A 244 -16.92 5.16 -19.01
C PHE A 244 -17.71 5.85 -20.12
N ALA A 245 -19.00 6.06 -19.90
CA ALA A 245 -19.80 6.78 -20.89
C ALA A 245 -19.33 8.24 -20.99
N HIS A 246 -19.04 8.84 -19.85
CA HIS A 246 -18.64 10.25 -19.81
C HIS A 246 -17.25 10.47 -20.44
N LEU A 247 -16.28 9.68 -19.99
CA LEU A 247 -14.95 9.73 -20.54
C LEU A 247 -14.97 9.54 -22.06
N GLU A 248 -15.77 8.59 -22.55
CA GLU A 248 -15.75 8.37 -23.98
C GLU A 248 -16.34 9.58 -24.68
N ARG A 249 -17.27 10.24 -24.00
CA ARG A 249 -17.93 11.40 -24.58
C ARG A 249 -16.99 12.60 -24.69
N ILE A 250 -16.19 12.85 -23.65
CA ILE A 250 -15.36 14.06 -23.61
C ILE A 250 -13.89 13.88 -24.00
N TYR A 251 -13.39 12.65 -24.02
CA TYR A 251 -11.97 12.43 -24.31
C TYR A 251 -11.73 11.87 -25.72
N ARG A 252 -10.67 12.34 -26.37
CA ARG A 252 -10.41 12.00 -27.77
C ARG A 252 -10.21 10.50 -28.02
N LEU A 253 -9.60 9.80 -27.06
CA LEU A 253 -9.41 8.37 -27.19
C LEU A 253 -10.56 7.61 -26.54
N PRO A 254 -11.06 6.57 -27.22
CA PRO A 254 -12.04 5.64 -26.64
C PRO A 254 -11.37 4.74 -25.60
N PRO A 255 -12.15 3.95 -24.84
CA PRO A 255 -11.50 3.10 -23.84
C PRO A 255 -10.44 2.20 -24.50
N ASN A 256 -9.32 2.01 -23.81
CA ASN A 256 -8.34 1.06 -24.29
C ASN A 256 -8.93 -0.33 -24.06
N GLU A 257 -8.72 -1.24 -25.01
CA GLU A 257 -9.28 -2.59 -24.87
C GLU A 257 -8.19 -3.59 -24.53
N PHE A 258 -8.57 -4.64 -23.81
CA PHE A 258 -7.63 -5.69 -23.48
C PHE A 258 -7.64 -6.76 -24.55
N VAL A 259 -6.44 -7.26 -24.87
CA VAL A 259 -6.23 -8.21 -25.96
C VAL A 259 -5.70 -9.55 -25.42
N ARG A 260 -6.45 -10.63 -25.66
CA ARG A 260 -6.00 -11.97 -25.26
C ARG A 260 -5.58 -12.78 -26.47
N ARG A 261 -4.29 -13.06 -26.60
CA ARG A 261 -3.81 -13.82 -27.76
C ARG A 261 -2.68 -14.78 -27.40
N TYR A 262 -2.58 -15.86 -28.17
CA TYR A 262 -1.52 -16.84 -27.97
C TYR A 262 -0.20 -16.27 -28.46
N ASP A 263 0.78 -16.27 -27.57
CA ASP A 263 2.14 -15.85 -27.91
C ASP A 263 3.02 -17.09 -28.03
N PRO A 264 3.41 -17.46 -29.25
CA PRO A 264 4.18 -18.69 -29.44
C PRO A 264 5.55 -18.59 -28.75
N ALA A 265 5.94 -17.37 -28.39
CA ALA A 265 7.19 -17.16 -27.65
C ALA A 265 7.07 -17.56 -26.18
N LYS A 266 5.93 -17.24 -25.55
CA LYS A 266 5.66 -17.65 -24.17
C LYS A 266 5.01 -19.02 -24.06
N GLY A 267 4.45 -19.52 -25.16
CA GLY A 267 3.68 -20.74 -25.14
C GLY A 267 2.34 -20.62 -24.44
N ARG A 268 1.81 -19.40 -24.37
CA ARG A 268 0.58 -19.14 -23.61
C ARG A 268 -0.28 -18.08 -24.27
N VAL A 269 -1.56 -18.07 -23.90
CA VAL A 269 -2.39 -16.92 -24.18
C VAL A 269 -2.00 -15.83 -23.17
N VAL A 270 -1.49 -14.71 -23.67
CA VAL A 270 -1.15 -13.59 -22.80
C VAL A 270 -2.11 -12.43 -22.97
N ARG A 271 -2.23 -11.60 -21.95
CA ARG A 271 -3.07 -10.41 -22.04
C ARG A 271 -2.24 -9.16 -22.31
N ASP A 272 -2.75 -8.30 -23.18
CA ASP A 272 -2.08 -7.06 -23.53
C ASP A 272 -3.14 -5.97 -23.74
N THR A 273 -2.71 -4.79 -24.18
CA THR A 273 -3.66 -3.73 -24.47
C THR A 273 -3.64 -3.40 -25.96
N ARG A 274 -4.79 -3.00 -26.50
CA ARG A 274 -4.87 -2.65 -27.92
C ARG A 274 -4.02 -1.42 -28.20
N ARG A 275 -4.07 -0.46 -27.28
CA ARG A 275 -3.26 0.75 -27.36
C ARG A 275 -2.23 0.80 -26.25
N ASP A 276 -1.16 1.55 -26.49
CA ASP A 276 -0.18 1.86 -25.48
C ASP A 276 -0.82 2.81 -24.47
N PRO A 277 -0.85 2.42 -23.18
CA PRO A 277 -1.44 3.27 -22.15
C PRO A 277 -0.77 4.65 -22.06
N TYR A 278 0.49 4.74 -22.49
CA TYR A 278 1.19 6.01 -22.49
C TYR A 278 0.46 7.07 -23.34
N GLU A 279 -0.29 6.62 -24.35
CA GLU A 279 -1.07 7.56 -25.15
C GLU A 279 -2.08 8.35 -24.33
N TYR A 280 -2.47 7.85 -23.16
CA TYR A 280 -3.51 8.48 -22.35
C TYR A 280 -2.94 9.40 -21.28
N ARG A 281 -1.66 9.74 -21.39
CA ARG A 281 -1.00 10.52 -20.33
C ARG A 281 -1.70 11.83 -19.94
N ASP A 282 -2.38 12.47 -20.88
CA ASP A 282 -3.11 13.70 -20.55
C ASP A 282 -4.33 13.39 -19.69
N LEU A 283 -5.01 12.29 -19.98
CA LEU A 283 -6.13 11.86 -19.15
C LEU A 283 -5.65 11.55 -17.73
N ALA A 284 -4.48 10.92 -17.61
CA ALA A 284 -3.93 10.60 -16.28
C ALA A 284 -3.60 11.88 -15.50
N ALA A 285 -2.90 12.79 -16.15
CA ALA A 285 -2.59 14.08 -15.56
C ALA A 285 -3.85 14.76 -15.05
N THR A 286 -4.91 14.73 -15.86
CA THR A 286 -6.15 15.43 -15.56
C THR A 286 -6.92 14.77 -14.43
N ALA A 287 -6.95 13.44 -14.45
CA ALA A 287 -7.54 12.67 -13.36
C ALA A 287 -6.80 12.93 -12.03
N GLN A 288 -5.46 12.86 -12.08
CA GLN A 288 -4.63 13.18 -10.93
C GLN A 288 -4.90 14.59 -10.35
N ALA A 289 -5.01 15.56 -11.23
CA ALA A 289 -5.28 16.93 -10.84
C ALA A 289 -6.66 17.07 -10.18
N ALA A 290 -7.65 16.33 -10.70
CA ALA A 290 -8.99 16.39 -10.15
C ALA A 290 -9.06 15.75 -8.75
N LEU A 291 -8.37 14.63 -8.58
CA LEU A 291 -8.32 13.96 -7.30
C LEU A 291 -7.66 14.90 -6.27
N GLU A 292 -6.46 15.38 -6.59
CA GLU A 292 -5.78 16.33 -5.72
C GLU A 292 -6.71 17.49 -5.32
N ARG A 293 -7.26 18.17 -6.30
CA ARG A 293 -8.11 19.32 -6.04
C ARG A 293 -9.27 18.97 -5.10
N ALA A 294 -9.95 17.86 -5.39
CA ALA A 294 -11.07 17.42 -4.58
C ALA A 294 -10.63 17.11 -3.15
N VAL A 295 -9.54 16.36 -3.01
CA VAL A 295 -9.04 16.02 -1.67
C VAL A 295 -8.54 17.25 -0.89
N PHE A 296 -7.82 18.15 -1.55
CA PHE A 296 -7.39 19.41 -0.93
C PHE A 296 -8.58 20.10 -0.24
N GLY A 297 -9.72 20.18 -0.93
CA GLY A 297 -10.92 20.75 -0.35
C GLY A 297 -11.40 19.99 0.87
N LEU A 298 -11.48 18.67 0.75
CA LEU A 298 -11.89 17.84 1.89
C LEU A 298 -10.96 18.01 3.10
N ALA A 299 -9.66 18.02 2.85
CA ALA A 299 -8.72 18.13 3.96
C ALA A 299 -8.80 19.51 4.62
N ASP A 300 -8.84 20.56 3.80
CA ASP A 300 -8.98 21.91 4.33
C ASP A 300 -10.21 21.94 5.24
N SER A 301 -11.27 21.31 4.77
CA SER A 301 -12.57 21.36 5.40
C SER A 301 -12.58 20.68 6.77
N VAL A 302 -12.04 19.47 6.83
CA VAL A 302 -12.05 18.72 8.09
C VAL A 302 -11.07 19.33 9.09
N LEU A 303 -9.96 19.86 8.59
CA LEU A 303 -8.99 20.53 9.45
C LEU A 303 -9.63 21.77 10.11
N ALA A 304 -10.27 22.61 9.31
CA ALA A 304 -10.93 23.81 9.83
C ALA A 304 -12.07 23.51 10.80
N ARG A 305 -12.92 22.53 10.47
CA ARG A 305 -14.06 22.18 11.32
C ARG A 305 -13.63 21.58 12.66
N THR A 306 -12.40 21.07 12.72
CA THR A 306 -11.93 20.43 13.94
C THR A 306 -10.98 21.33 14.71
N GLY A 307 -10.37 22.28 14.00
CA GLY A 307 -9.41 23.18 14.62
C GLY A 307 -8.06 22.53 14.83
N GLU A 308 -7.85 21.38 14.20
CA GLU A 308 -6.58 20.68 14.34
C GLU A 308 -5.69 21.10 13.20
N ARG A 309 -4.40 20.81 13.32
CA ARG A 309 -3.46 21.10 12.23
C ARG A 309 -2.62 19.85 11.94
N THR A 310 -3.04 18.73 12.53
CA THR A 310 -2.49 17.42 12.22
C THR A 310 -3.54 16.63 11.43
N LEU A 311 -3.12 16.09 10.30
CA LEU A 311 -4.03 15.36 9.43
C LEU A 311 -3.73 13.86 9.36
N PHE A 312 -4.77 13.07 9.59
CA PHE A 312 -4.68 11.61 9.47
C PHE A 312 -5.40 11.21 8.20
N VAL A 313 -4.73 10.48 7.32
CA VAL A 313 -5.38 10.00 6.11
C VAL A 313 -5.28 8.50 5.97
N ALA A 314 -6.39 7.89 5.56
CA ALA A 314 -6.41 6.46 5.25
C ALA A 314 -7.55 6.18 4.28
N GLY A 315 -7.75 4.90 3.94
CA GLY A 315 -8.57 4.55 2.80
C GLY A 315 -7.63 4.43 1.60
N GLY A 316 -8.09 3.72 0.57
CA GLY A 316 -7.25 3.39 -0.58
C GLY A 316 -6.68 4.57 -1.35
N VAL A 317 -7.43 5.66 -1.46
CA VAL A 317 -6.91 6.83 -2.13
C VAL A 317 -5.70 7.38 -1.37
N GLY A 318 -5.66 7.12 -0.06
CA GLY A 318 -4.52 7.48 0.77
C GLY A 318 -3.18 6.94 0.27
N LEU A 319 -3.22 5.99 -0.66
CA LEU A 319 -1.99 5.51 -1.30
C LEU A 319 -1.49 6.46 -2.39
N ASN A 320 -2.23 7.51 -2.68
CA ASN A 320 -1.74 8.46 -3.67
C ASN A 320 -0.64 9.34 -3.06
N ALA A 321 0.61 8.88 -3.17
CA ALA A 321 1.74 9.54 -2.56
C ALA A 321 1.93 10.97 -3.08
N THR A 322 1.63 11.17 -4.36
CA THR A 322 1.74 12.48 -4.97
C THR A 322 0.81 13.46 -4.26
N MET A 323 -0.46 13.09 -4.14
CA MET A 323 -1.44 13.89 -3.42
C MET A 323 -1.03 14.13 -1.96
N ASN A 324 -0.57 13.08 -1.29
CA ASN A 324 -0.09 13.18 0.08
C ASN A 324 1.02 14.22 0.24
N GLY A 325 2.05 14.14 -0.59
CA GLY A 325 3.15 15.09 -0.54
C GLY A 325 2.68 16.53 -0.61
N LYS A 326 1.73 16.79 -1.51
CA LYS A 326 1.16 18.12 -1.69
C LYS A 326 0.24 18.55 -0.53
N LEU A 327 -0.42 17.61 0.11
CA LEU A 327 -1.20 17.92 1.31
C LEU A 327 -0.27 18.39 2.42
N LEU A 328 0.85 17.70 2.53
CA LEU A 328 1.83 17.99 3.57
C LEU A 328 2.27 19.44 3.49
N THR A 329 2.51 19.93 2.26
CA THR A 329 3.00 21.30 2.09
C THR A 329 1.88 22.36 2.11
N ARG A 330 0.64 21.93 2.29
CA ARG A 330 -0.47 22.87 2.37
C ARG A 330 -0.42 23.74 3.64
N SER A 331 -0.64 25.04 3.47
CA SER A 331 -0.62 25.97 4.59
C SER A 331 -1.49 25.52 5.77
N THR A 332 -2.46 24.66 5.51
CA THR A 332 -3.42 24.23 6.54
C THR A 332 -2.98 22.99 7.33
N VAL A 333 -1.81 22.44 7.01
CA VAL A 333 -1.34 21.20 7.61
C VAL A 333 0.06 21.38 8.19
N ASP A 334 0.23 21.13 9.49
CA ASP A 334 1.57 21.12 10.05
C ASP A 334 2.15 19.72 10.10
N LYS A 335 1.36 18.77 10.56
CA LYS A 335 1.83 17.40 10.69
C LYS A 335 0.87 16.45 9.98
N MET A 336 1.44 15.40 9.41
CA MET A 336 0.65 14.44 8.68
C MET A 336 1.05 13.01 9.04
N PHE A 337 0.05 12.15 9.24
CA PHE A 337 0.33 10.71 9.35
C PHE A 337 -0.57 9.86 8.45
N VAL A 338 0.06 9.09 7.58
CA VAL A 338 -0.62 8.14 6.72
C VAL A 338 0.09 6.82 6.87
N PRO A 339 -0.60 5.80 7.40
CA PRO A 339 0.00 4.49 7.68
C PRO A 339 0.37 3.79 6.38
N PRO A 340 1.35 2.88 6.42
CA PRO A 340 1.72 2.17 5.20
C PRO A 340 0.55 1.34 4.70
N VAL A 341 -0.40 1.06 5.58
CA VAL A 341 -1.54 0.20 5.27
C VAL A 341 -2.84 1.00 5.11
N ALA A 342 -2.77 2.09 4.37
CA ALA A 342 -3.92 2.96 4.13
C ALA A 342 -5.09 2.23 3.45
N SER A 343 -4.77 1.30 2.56
CA SER A 343 -5.80 0.60 1.83
C SER A 343 -6.47 -0.41 2.77
N ASP A 344 -7.40 -1.19 2.24
CA ASP A 344 -8.12 -2.18 3.02
C ASP A 344 -7.26 -3.22 3.72
N ILE A 345 -6.04 -3.46 3.24
CA ILE A 345 -5.16 -4.35 3.98
C ILE A 345 -5.07 -3.87 5.43
N GLY A 346 -5.28 -2.57 5.66
CA GLY A 346 -5.07 -1.98 6.96
C GLY A 346 -6.27 -2.04 7.89
N VAL A 347 -7.44 -2.41 7.37
CA VAL A 347 -8.62 -2.44 8.22
C VAL A 347 -8.67 -3.64 9.18
N SER A 348 -7.86 -4.67 8.94
CA SER A 348 -7.76 -5.75 9.92
C SER A 348 -7.09 -5.18 11.17
N LEU A 349 -5.96 -4.50 10.96
CA LEU A 349 -5.23 -3.83 12.04
C LEU A 349 -6.10 -2.74 12.69
N GLY A 350 -6.84 -2.01 11.87
CA GLY A 350 -7.73 -0.99 12.38
C GLY A 350 -8.88 -1.55 13.21
N ALA A 351 -9.52 -2.60 12.73
CA ALA A 351 -10.60 -3.21 13.49
C ALA A 351 -10.06 -3.70 14.84
N ALA A 352 -8.88 -4.31 14.82
CA ALA A 352 -8.25 -4.81 16.04
C ALA A 352 -7.97 -3.70 17.06
N ALA A 353 -7.42 -2.58 16.58
CA ALA A 353 -7.13 -1.45 17.46
C ALA A 353 -8.43 -0.89 18.08
N ALA A 354 -9.45 -0.71 17.25
CA ALA A 354 -10.70 -0.16 17.72
C ALA A 354 -11.24 -1.01 18.86
N VAL A 355 -11.16 -2.32 18.68
CA VAL A 355 -11.66 -3.25 19.67
C VAL A 355 -10.76 -3.24 20.91
N ALA A 356 -9.44 -3.32 20.71
CA ALA A 356 -8.48 -3.28 21.81
C ALA A 356 -8.61 -2.04 22.69
N VAL A 357 -8.70 -0.87 22.05
CA VAL A 357 -8.96 0.38 22.76
C VAL A 357 -10.27 0.31 23.57
N GLU A 358 -11.28 -0.31 22.98
CA GLU A 358 -12.57 -0.51 23.63
C GLU A 358 -12.48 -1.45 24.84
N LEU A 359 -11.48 -2.33 24.84
CA LEU A 359 -11.24 -3.24 25.95
C LEU A 359 -10.24 -2.65 26.96
N GLY A 360 -9.87 -1.38 26.75
CA GLY A 360 -9.03 -0.66 27.70
C GLY A 360 -7.55 -0.59 27.38
N ASP A 361 -7.15 -1.09 26.22
CA ASP A 361 -5.74 -1.09 25.85
C ASP A 361 -5.28 0.26 25.32
N ARG A 362 -3.99 0.52 25.41
CA ARG A 362 -3.40 1.68 24.76
C ARG A 362 -2.55 1.18 23.62
N ILE A 363 -2.70 1.81 22.46
CA ILE A 363 -2.06 1.35 21.24
C ILE A 363 -0.74 2.07 21.05
N ALA A 364 0.34 1.30 20.87
CA ALA A 364 1.65 1.88 20.62
C ALA A 364 1.76 2.37 19.19
N PRO A 365 2.51 3.47 18.97
CA PRO A 365 2.84 3.98 17.64
C PRO A 365 3.58 2.93 16.81
N MET A 366 3.45 3.00 15.49
CA MET A 366 4.15 2.06 14.62
C MET A 366 5.64 2.20 14.77
N GLY A 367 6.12 3.43 14.81
CA GLY A 367 7.52 3.69 15.03
C GLY A 367 8.39 3.55 13.80
N ASP A 368 7.89 3.96 12.64
CA ASP A 368 8.78 4.08 11.49
C ASP A 368 9.26 2.74 10.97
N THR A 369 8.42 1.72 11.11
CA THR A 369 8.74 0.41 10.55
C THR A 369 7.45 -0.27 10.12
N ALA A 370 7.52 -1.10 9.08
CA ALA A 370 6.36 -1.86 8.63
C ALA A 370 6.69 -3.36 8.60
N ALA A 371 7.78 -3.71 9.27
CA ALA A 371 8.32 -5.05 9.19
C ALA A 371 7.65 -5.96 10.23
N TRP A 372 6.43 -6.36 9.93
CA TRP A 372 5.63 -7.15 10.85
C TRP A 372 5.30 -8.54 10.33
N GLY A 373 5.84 -8.87 9.17
CA GLY A 373 5.52 -10.13 8.54
C GLY A 373 6.50 -11.19 8.95
N PRO A 374 6.46 -12.34 8.28
CA PRO A 374 7.34 -13.44 8.68
C PRO A 374 8.81 -13.10 8.48
N GLU A 375 9.65 -13.69 9.32
CA GLU A 375 11.09 -13.74 9.09
C GLU A 375 11.53 -15.18 9.16
N PHE A 376 12.79 -15.40 8.82
CA PHE A 376 13.35 -16.71 8.67
C PHE A 376 14.74 -16.73 9.22
N SER A 377 15.06 -17.79 9.96
CA SER A 377 16.36 -17.94 10.58
C SER A 377 17.36 -18.37 9.51
N PRO A 378 18.66 -18.26 9.82
CA PRO A 378 19.73 -18.74 8.94
C PRO A 378 19.59 -20.20 8.54
N ASP A 379 19.17 -21.04 9.48
CA ASP A 379 18.97 -22.45 9.17
C ASP A 379 17.84 -22.62 8.17
N GLN A 380 16.79 -21.82 8.33
CA GLN A 380 15.64 -21.92 7.45
C GLN A 380 16.01 -21.41 6.05
N VAL A 381 16.81 -20.36 6.00
CA VAL A 381 17.26 -19.86 4.71
C VAL A 381 18.17 -20.89 4.03
N ARG A 382 19.13 -21.42 4.78
CA ARG A 382 20.07 -22.41 4.25
C ARG A 382 19.34 -23.64 3.67
N ALA A 383 18.31 -24.09 4.37
CA ALA A 383 17.49 -25.20 3.91
C ALA A 383 16.94 -24.92 2.54
N ALA A 384 16.49 -23.69 2.32
CA ALA A 384 15.94 -23.29 1.04
C ALA A 384 17.01 -23.20 -0.05
N LEU A 385 18.18 -22.72 0.33
CA LEU A 385 19.33 -22.68 -0.57
C LEU A 385 19.79 -24.07 -1.01
N ASP A 386 19.89 -24.99 -0.07
CA ASP A 386 20.38 -26.32 -0.39
C ASP A 386 19.39 -27.01 -1.32
N ARG A 387 18.09 -26.82 -1.06
CA ARG A 387 17.07 -27.31 -1.98
C ARG A 387 17.46 -27.08 -3.42
N THR A 388 17.91 -25.87 -3.73
CA THR A 388 18.16 -25.48 -5.10
C THR A 388 19.54 -25.92 -5.63
N GLY A 389 20.40 -26.40 -4.73
CA GLY A 389 21.75 -26.77 -5.11
C GLY A 389 22.63 -25.60 -5.56
N LEU A 390 22.19 -24.37 -5.34
CA LEU A 390 23.00 -23.19 -5.67
C LEU A 390 24.17 -23.00 -4.71
N ALA A 391 25.29 -22.52 -5.24
CA ALA A 391 26.46 -22.18 -4.45
C ALA A 391 26.26 -20.80 -3.81
N TYR A 392 26.75 -20.65 -2.59
CA TYR A 392 26.56 -19.40 -1.88
C TYR A 392 27.67 -19.19 -0.87
N ARG A 393 27.82 -17.95 -0.43
CA ARG A 393 28.81 -17.60 0.57
C ARG A 393 28.15 -17.00 1.79
N GLU A 394 28.88 -17.03 2.91
CA GLU A 394 28.49 -16.30 4.11
C GLU A 394 29.52 -15.21 4.43
N PRO A 395 29.32 -14.02 3.86
CA PRO A 395 30.30 -12.92 3.98
C PRO A 395 30.52 -12.50 5.43
N ALA A 396 31.76 -12.17 5.77
CA ALA A 396 32.05 -11.65 7.10
C ALA A 396 31.30 -10.34 7.33
N ASN A 397 31.36 -9.45 6.35
CA ASN A 397 30.59 -8.21 6.42
C ASN A 397 29.64 -8.07 5.22
N LEU A 398 28.47 -8.69 5.34
CA LEU A 398 27.48 -8.71 4.25
C LEU A 398 27.11 -7.29 3.82
N GLU A 399 26.89 -6.41 4.80
CA GLU A 399 26.43 -5.05 4.53
C GLU A 399 27.43 -4.28 3.67
N ARG A 400 28.71 -4.47 3.97
CA ARG A 400 29.77 -3.82 3.22
C ARG A 400 29.87 -4.38 1.79
N GLU A 401 29.74 -5.69 1.65
CA GLU A 401 29.80 -6.32 0.34
C GLU A 401 28.62 -5.86 -0.55
N VAL A 402 27.44 -5.74 0.05
CA VAL A 402 26.28 -5.28 -0.70
C VAL A 402 26.45 -3.83 -1.14
N ALA A 403 26.88 -2.98 -0.20
CA ALA A 403 27.27 -1.60 -0.47
C ALA A 403 28.14 -1.51 -1.73
N ALA A 404 29.19 -2.32 -1.76
CA ALA A 404 30.12 -2.33 -2.88
C ALA A 404 29.47 -2.79 -4.20
N LEU A 405 28.61 -3.80 -4.13
CA LEU A 405 27.92 -4.29 -5.31
C LEU A 405 27.07 -3.18 -5.91
N ILE A 406 26.30 -2.53 -5.04
CA ILE A 406 25.40 -1.47 -5.45
C ILE A 406 26.20 -0.30 -6.03
N ALA A 407 27.31 0.03 -5.39
CA ALA A 407 28.08 1.20 -5.80
C ALA A 407 28.66 1.01 -7.19
N SER A 408 28.90 -0.25 -7.55
CA SER A 408 29.51 -0.57 -8.83
C SER A 408 28.50 -0.73 -9.96
N GLY A 409 27.23 -0.45 -9.68
CA GLY A 409 26.18 -0.52 -10.69
C GLY A 409 25.43 -1.83 -10.82
N LYS A 410 25.54 -2.68 -9.80
CA LYS A 410 24.86 -3.97 -9.82
C LYS A 410 23.52 -3.93 -9.08
N VAL A 411 22.61 -4.82 -9.46
CA VAL A 411 21.31 -4.89 -8.82
C VAL A 411 21.28 -6.01 -7.79
N VAL A 412 20.98 -5.67 -6.53
CA VAL A 412 21.01 -6.67 -5.46
C VAL A 412 19.66 -6.94 -4.79
N GLY A 413 19.25 -8.21 -4.81
CA GLY A 413 18.09 -8.63 -4.06
C GLY A 413 18.43 -8.63 -2.58
N TRP A 414 17.51 -8.14 -1.76
CA TRP A 414 17.73 -7.95 -0.33
C TRP A 414 16.55 -8.50 0.47
N ALA A 415 16.73 -9.69 1.01
CA ALA A 415 15.69 -10.37 1.75
C ALA A 415 16.18 -10.60 3.17
N GLN A 416 15.67 -9.81 4.10
CA GLN A 416 16.16 -9.81 5.46
C GLN A 416 15.02 -9.56 6.42
N GLY A 417 15.13 -10.12 7.61
CA GLY A 417 14.22 -9.83 8.69
C GLY A 417 12.78 -10.11 8.35
N ARG A 418 11.90 -9.41 9.03
CA ARG A 418 10.48 -9.63 8.87
C ARG A 418 9.90 -8.87 7.68
N GLY A 419 9.15 -9.58 6.85
CA GLY A 419 8.57 -9.00 5.66
C GLY A 419 7.77 -7.77 5.99
N GLU A 420 7.89 -6.73 5.17
CA GLU A 420 7.07 -5.55 5.35
C GLU A 420 5.62 -5.78 4.96
N VAL A 421 4.71 -5.02 5.54
CA VAL A 421 3.30 -5.14 5.22
C VAL A 421 2.94 -3.86 4.48
N GLY A 422 1.99 -3.95 3.54
CA GLY A 422 1.67 -2.85 2.64
C GLY A 422 2.38 -3.09 1.32
N PRO A 423 2.09 -2.25 0.33
CA PRO A 423 2.57 -2.36 -1.06
C PRO A 423 4.03 -1.94 -1.31
N ARG A 424 4.68 -1.27 -0.36
CA ARG A 424 6.04 -0.78 -0.55
C ARG A 424 7.06 -1.69 0.10
N ALA A 425 8.15 -1.95 -0.61
CA ALA A 425 9.32 -2.59 -0.03
C ALA A 425 10.10 -1.52 0.73
N LEU A 426 10.65 -1.88 1.88
CA LEU A 426 11.27 -0.90 2.76
C LEU A 426 12.56 -1.44 3.36
N GLY A 427 13.25 -2.28 2.59
CA GLY A 427 14.50 -2.85 3.06
C GLY A 427 14.36 -4.14 3.85
N GLN A 428 13.26 -4.85 3.64
CA GLN A 428 13.12 -6.21 4.18
C GLN A 428 12.98 -7.20 3.01
N ARG A 429 12.31 -6.73 1.95
CA ARG A 429 12.15 -7.51 0.70
C ARG A 429 12.32 -6.60 -0.51
N SER A 430 13.56 -6.14 -0.73
CA SER A 430 13.82 -5.10 -1.72
C SER A 430 14.76 -5.52 -2.85
N LEU A 431 14.64 -4.84 -3.98
CA LEU A 431 15.67 -4.85 -5.01
C LEU A 431 16.44 -3.53 -4.93
N LEU A 432 17.76 -3.62 -4.83
CA LEU A 432 18.59 -2.45 -4.60
C LEU A 432 19.49 -2.13 -5.80
N GLY A 433 19.72 -0.84 -6.01
CA GLY A 433 20.54 -0.38 -7.10
C GLY A 433 20.99 1.05 -6.86
N SER A 434 21.91 1.51 -7.70
CA SER A 434 22.47 2.84 -7.56
C SER A 434 21.43 3.96 -7.77
N ALA A 435 21.33 4.86 -6.79
CA ALA A 435 20.52 6.05 -6.96
C ALA A 435 21.26 7.08 -7.85
N HIS A 436 22.55 6.83 -8.04
CA HIS A 436 23.46 7.82 -8.63
C HIS A 436 23.70 7.59 -10.11
N SER A 437 23.25 6.43 -10.60
CA SER A 437 23.48 6.02 -11.97
C SER A 437 22.41 6.55 -12.91
N PRO A 438 22.83 7.20 -14.03
CA PRO A 438 21.87 7.71 -15.00
C PRO A 438 21.37 6.64 -15.97
N THR A 439 21.75 5.38 -15.78
CA THR A 439 21.24 4.30 -16.63
C THR A 439 20.49 3.21 -15.88
N MET A 440 20.55 3.28 -14.55
CA MET A 440 20.02 2.22 -13.68
C MET A 440 18.52 2.07 -13.91
N ARG A 441 17.84 3.21 -13.97
CA ARG A 441 16.40 3.22 -14.14
C ARG A 441 15.94 2.49 -15.40
N ASP A 442 16.52 2.82 -16.56
CA ASP A 442 16.20 2.10 -17.80
C ASP A 442 16.63 0.65 -17.78
N HIS A 443 17.71 0.38 -17.03
CA HIS A 443 18.23 -0.96 -16.90
C HIS A 443 17.20 -1.85 -16.19
N ILE A 444 16.70 -1.37 -15.06
CA ILE A 444 15.72 -2.14 -14.30
C ILE A 444 14.38 -2.22 -15.03
N ASN A 445 13.88 -1.09 -15.51
CA ASN A 445 12.61 -1.12 -16.20
C ASN A 445 12.62 -2.07 -17.40
N LEU A 446 13.65 -1.98 -18.21
CA LEU A 446 13.63 -2.56 -19.54
C LEU A 446 14.29 -3.92 -19.61
N ARG A 447 15.41 -4.05 -18.91
CA ARG A 447 16.26 -5.22 -19.03
C ARG A 447 15.96 -6.23 -17.91
N VAL A 448 15.63 -5.71 -16.74
CA VAL A 448 15.43 -6.56 -15.57
C VAL A 448 13.98 -6.98 -15.31
N ALA A 449 13.11 -6.01 -15.07
CA ALA A 449 11.76 -6.28 -14.57
C ALA A 449 10.68 -6.12 -15.63
N ASP A 450 11.05 -5.77 -16.85
CA ASP A 450 10.06 -5.52 -17.88
C ASP A 450 8.93 -4.60 -17.37
N ARG A 451 9.28 -3.48 -16.72
CA ARG A 451 8.29 -2.47 -16.35
C ARG A 451 8.24 -1.46 -17.47
N GLU A 452 7.14 -0.72 -17.54
CA GLU A 452 6.99 0.38 -18.49
C GLU A 452 8.09 1.42 -18.26
N TRP A 453 8.70 1.90 -19.35
CA TRP A 453 9.83 2.82 -19.25
C TRP A 453 9.50 4.09 -18.47
N TRP A 454 8.23 4.48 -18.48
CA TRP A 454 7.82 5.72 -17.84
C TRP A 454 7.54 5.65 -16.32
N ARG A 455 7.57 4.46 -15.73
CA ARG A 455 7.40 4.35 -14.27
C ARG A 455 8.68 4.76 -13.55
N PRO A 456 8.54 5.56 -12.48
CA PRO A 456 9.71 6.02 -11.73
C PRO A 456 10.10 5.06 -10.60
N PHE A 457 11.34 5.15 -10.14
CA PHE A 457 11.82 4.44 -8.95
C PHE A 457 12.03 5.42 -7.81
N ALA A 458 12.25 4.90 -6.61
CA ALA A 458 12.31 5.72 -5.42
C ALA A 458 13.49 5.32 -4.54
N PRO A 459 13.90 6.23 -3.63
CA PRO A 459 15.11 6.01 -2.85
C PRO A 459 14.87 5.67 -1.39
N SER A 460 15.78 4.85 -0.85
CA SER A 460 15.95 4.75 0.59
C SER A 460 17.19 5.57 0.97
N MET A 461 17.12 6.24 2.11
CA MET A 461 18.26 7.03 2.59
C MET A 461 18.25 7.10 4.10
N LEU A 462 19.41 7.37 4.68
CA LEU A 462 19.50 7.54 6.13
C LEU A 462 18.68 8.74 6.56
N ARG A 463 17.97 8.59 7.68
CA ARG A 463 17.23 9.72 8.23
C ARG A 463 18.17 10.89 8.57
N SER A 464 19.42 10.56 8.88
CA SER A 464 20.38 11.56 9.36
C SER A 464 20.92 12.48 8.27
N VAL A 465 20.66 12.14 7.01
CA VAL A 465 21.03 13.04 5.92
C VAL A 465 19.82 13.37 5.06
N SER A 466 18.63 12.99 5.53
CA SER A 466 17.42 13.28 4.78
C SER A 466 17.16 14.78 4.82
N ASP A 467 17.60 15.40 5.90
CA ASP A 467 17.44 16.84 6.09
C ASP A 467 18.08 17.63 4.95
N GLN A 468 19.28 17.20 4.56
CA GLN A 468 20.06 17.88 3.53
C GLN A 468 19.65 17.45 2.12
N VAL A 469 19.04 16.28 2.00
CA VAL A 469 18.66 15.76 0.68
C VAL A 469 17.30 16.30 0.21
N LEU A 470 16.38 16.47 1.15
CA LEU A 470 14.98 16.77 0.83
C LEU A 470 14.56 18.12 1.38
N GLU A 471 13.67 18.80 0.66
CA GLU A 471 13.15 20.09 1.12
C GLU A 471 12.68 20.01 2.57
N VAL A 472 11.84 19.02 2.85
CA VAL A 472 11.21 18.86 4.17
C VAL A 472 12.06 18.01 5.11
N ASP A 473 12.19 18.45 6.36
CA ASP A 473 12.87 17.63 7.37
C ASP A 473 11.86 16.87 8.23
N ALA A 474 11.31 15.80 7.68
CA ALA A 474 10.42 14.93 8.45
C ALA A 474 10.78 13.48 8.24
N ASP A 475 10.20 12.62 9.07
CA ASP A 475 10.29 11.19 8.88
C ASP A 475 9.40 10.80 7.71
N PHE A 476 9.96 9.99 6.81
CA PHE A 476 9.19 9.39 5.72
C PHE A 476 9.42 7.89 5.74
N PRO A 477 8.84 7.19 6.73
CA PRO A 477 9.22 5.79 6.93
C PRO A 477 8.64 4.85 5.87
N TYR A 478 7.59 5.26 5.17
CA TYR A 478 6.77 4.30 4.42
C TYR A 478 6.74 4.44 2.90
N MET A 479 7.45 5.42 2.34
CA MET A 479 7.35 5.65 0.90
C MET A 479 5.89 5.88 0.49
N ILE A 480 5.15 6.62 1.31
CA ILE A 480 3.75 6.91 1.02
C ILE A 480 3.53 8.40 0.78
N MET A 481 4.63 9.12 0.60
CA MET A 481 4.61 10.56 0.35
C MET A 481 5.75 11.00 -0.56
N THR A 482 5.41 11.83 -1.53
CA THR A 482 6.42 12.45 -2.37
C THR A 482 6.84 13.78 -1.74
N THR A 483 8.07 14.19 -2.04
CA THR A 483 8.61 15.45 -1.55
C THR A 483 9.58 15.94 -2.59
N LYS A 484 10.04 17.18 -2.47
CA LYS A 484 10.99 17.70 -3.44
C LYS A 484 12.43 17.49 -3.00
N VAL A 485 13.30 17.24 -3.96
CA VAL A 485 14.72 17.06 -3.70
C VAL A 485 15.45 18.40 -3.63
N ARG A 486 16.16 18.64 -2.53
CA ARG A 486 16.91 19.88 -2.34
C ARG A 486 17.97 20.15 -3.40
N ALA A 487 18.56 21.34 -3.33
CA ALA A 487 19.63 21.75 -4.21
C ALA A 487 20.98 21.18 -3.73
N ALA A 488 21.71 20.56 -4.65
CA ALA A 488 21.17 20.28 -5.98
C ALA A 488 21.27 18.79 -6.19
N TYR A 489 20.93 18.04 -5.13
CA TYR A 489 20.85 16.59 -5.16
C TYR A 489 20.02 16.12 -6.34
N ALA A 490 19.08 16.97 -6.75
CA ALA A 490 18.20 16.69 -7.88
C ALA A 490 18.98 16.21 -9.11
N GLU A 491 20.25 16.57 -9.16
CA GLU A 491 21.13 16.17 -10.25
C GLU A 491 21.98 14.95 -9.89
N ARG A 492 22.31 14.82 -8.60
CA ARG A 492 23.17 13.74 -8.08
C ARG A 492 22.50 12.36 -8.08
N LEU A 493 21.16 12.33 -8.10
CA LEU A 493 20.41 11.10 -7.87
C LEU A 493 19.46 10.78 -9.01
N PRO A 494 19.99 10.66 -10.23
CA PRO A 494 19.13 10.58 -11.43
C PRO A 494 18.12 9.43 -11.44
N SER A 495 18.42 8.29 -10.84
CA SER A 495 17.55 7.11 -10.98
C SER A 495 16.31 7.14 -10.09
N VAL A 496 16.35 7.95 -9.03
CA VAL A 496 15.25 8.00 -8.08
C VAL A 496 14.50 9.33 -8.14
N VAL A 497 14.65 10.03 -9.25
CA VAL A 497 13.92 11.27 -9.48
C VAL A 497 12.84 11.08 -10.55
N HIS A 498 11.70 11.75 -10.38
CA HIS A 498 10.59 11.61 -11.29
C HIS A 498 10.52 12.81 -12.23
N GLU A 499 9.71 12.68 -13.27
CA GLU A 499 9.50 13.70 -14.29
C GLU A 499 9.46 15.14 -13.75
N ASP A 500 8.91 15.31 -12.55
CA ASP A 500 8.74 16.65 -11.95
C ASP A 500 9.67 17.01 -10.77
N TRP A 501 10.81 16.32 -10.68
CA TRP A 501 11.82 16.58 -9.62
C TRP A 501 11.40 16.16 -8.21
N SER A 502 10.32 15.39 -8.14
CA SER A 502 9.84 14.83 -6.91
C SER A 502 10.48 13.46 -6.69
N THR A 503 10.61 13.07 -5.42
CA THR A 503 10.93 11.69 -5.09
C THR A 503 9.97 11.16 -4.02
N ARG A 504 9.84 9.84 -3.95
CA ARG A 504 8.95 9.17 -2.99
C ARG A 504 9.83 8.34 -2.06
N PRO A 505 10.41 8.98 -1.03
CA PRO A 505 11.52 8.44 -0.24
C PRO A 505 11.13 7.58 0.97
N GLN A 506 12.10 6.75 1.36
CA GLN A 506 12.10 6.09 2.65
C GLN A 506 13.25 6.64 3.47
N THR A 507 12.94 7.17 4.64
CA THR A 507 13.96 7.54 5.60
C THR A 507 14.20 6.37 6.56
N VAL A 508 15.47 6.09 6.84
CA VAL A 508 15.85 4.93 7.62
C VAL A 508 16.63 5.32 8.88
N THR A 509 16.19 4.83 10.02
CA THR A 509 16.92 5.06 11.26
C THR A 509 17.61 3.77 11.69
N GLU A 510 18.66 3.90 12.49
CA GLU A 510 19.41 2.73 12.95
C GLU A 510 18.49 1.78 13.71
N ALA A 511 17.58 2.37 14.50
CA ALA A 511 16.63 1.58 15.29
C ALA A 511 15.69 0.75 14.42
N SER A 512 15.08 1.41 13.41
CA SER A 512 14.10 0.75 12.55
C SER A 512 14.68 -0.40 11.73
N ASN A 513 15.92 -0.23 11.25
CA ASN A 513 16.55 -1.27 10.41
C ASN A 513 18.08 -1.24 10.42
N PRO A 514 18.70 -1.78 11.49
CA PRO A 514 20.14 -1.78 11.75
C PRO A 514 20.97 -2.25 10.55
N ARG A 515 20.68 -3.45 10.05
CA ARG A 515 21.33 -4.00 8.86
C ARG A 515 21.26 -3.08 7.62
N TYR A 516 20.05 -2.60 7.33
CA TYR A 516 19.80 -1.74 6.19
C TYR A 516 20.50 -0.41 6.42
N HIS A 517 20.39 0.09 7.66
CA HIS A 517 21.01 1.35 8.04
C HIS A 517 22.50 1.27 7.83
N ARG A 518 23.08 0.18 8.34
CA ARG A 518 24.51 -0.12 8.23
C ARG A 518 24.97 -0.22 6.77
N MET A 519 24.15 -0.86 5.93
CA MET A 519 24.50 -1.02 4.52
C MET A 519 24.50 0.34 3.82
N LEU A 520 23.52 1.17 4.12
CA LEU A 520 23.45 2.51 3.55
C LEU A 520 24.63 3.33 4.02
N THR A 521 25.02 3.15 5.27
CA THR A 521 26.16 3.86 5.84
C THR A 521 27.41 3.51 5.03
N GLU A 522 27.67 2.21 4.89
CA GLU A 522 28.80 1.76 4.11
C GLU A 522 28.72 2.33 2.71
N LEU A 523 27.51 2.36 2.16
CA LEU A 523 27.32 2.81 0.78
C LEU A 523 27.81 4.23 0.66
N GLY A 524 27.43 5.06 1.63
CA GLY A 524 27.80 6.47 1.65
C GLY A 524 29.29 6.72 1.55
N ASP A 525 30.10 5.85 2.14
CA ASP A 525 31.55 6.02 2.09
C ASP A 525 32.07 5.85 0.67
N LEU A 526 31.25 5.27 -0.20
CA LEU A 526 31.71 4.87 -1.52
C LEU A 526 31.23 5.81 -2.61
N VAL A 527 30.00 6.28 -2.48
CA VAL A 527 29.42 7.18 -3.49
C VAL A 527 29.09 8.53 -2.88
N GLY A 528 29.57 8.75 -1.66
CA GLY A 528 29.39 10.02 -0.99
C GLY A 528 28.08 10.10 -0.23
N ASP A 529 26.99 9.66 -0.88
CA ASP A 529 25.66 9.73 -0.28
C ASP A 529 25.11 8.38 0.14
N PRO A 530 24.61 8.31 1.38
CA PRO A 530 23.98 7.09 1.92
C PRO A 530 22.54 6.96 1.38
N VAL A 531 22.44 6.82 0.08
CA VAL A 531 21.16 6.76 -0.60
C VAL A 531 21.25 5.65 -1.64
N CYS A 532 20.17 4.90 -1.82
CA CYS A 532 20.12 3.91 -2.89
C CYS A 532 18.73 3.87 -3.54
N LEU A 533 18.68 3.29 -4.73
CA LEU A 533 17.40 2.95 -5.35
C LEU A 533 16.87 1.72 -4.63
N ASN A 534 15.62 1.80 -4.21
CA ASN A 534 14.94 0.69 -3.53
C ASN A 534 13.56 0.41 -4.12
N THR A 535 13.48 -0.62 -4.97
CA THR A 535 12.21 -1.02 -5.58
C THR A 535 11.80 -2.41 -5.04
N SER A 536 10.53 -2.76 -5.18
CA SER A 536 10.06 -3.99 -4.53
C SER A 536 10.53 -5.24 -5.22
N PHE A 537 10.83 -6.25 -4.41
CA PHE A 537 11.42 -7.51 -4.85
C PHE A 537 10.35 -8.49 -5.33
N ASN A 538 10.06 -8.46 -6.64
CA ASN A 538 9.03 -9.31 -7.22
C ASN A 538 9.09 -9.28 -8.74
N ASP A 539 8.57 -10.31 -9.41
CA ASP A 539 8.38 -10.28 -10.87
C ASP A 539 7.10 -9.51 -11.17
N ARG A 540 6.84 -9.25 -12.44
CA ARG A 540 5.75 -8.37 -12.86
C ARG A 540 4.35 -8.74 -12.31
N GLY A 541 3.97 -10.01 -12.38
CA GLY A 541 2.65 -10.39 -11.89
C GLY A 541 2.51 -10.57 -10.37
N GLU A 542 3.49 -11.27 -9.79
CA GLU A 542 3.45 -11.69 -8.40
C GLU A 542 3.53 -10.61 -7.32
N PRO A 543 3.03 -10.92 -6.13
CA PRO A 543 3.20 -10.12 -4.91
C PRO A 543 4.66 -10.07 -4.50
N ILE A 544 5.04 -9.11 -3.67
CA ILE A 544 6.38 -9.05 -3.12
C ILE A 544 6.78 -10.40 -2.51
N VAL A 545 8.00 -10.84 -2.78
CA VAL A 545 8.43 -12.14 -2.31
C VAL A 545 8.42 -12.16 -0.78
N SER A 546 8.10 -13.32 -0.21
CA SER A 546 7.93 -13.44 1.23
C SER A 546 8.86 -14.49 1.82
N SER A 547 8.86 -15.68 1.26
CA SER A 547 9.71 -16.74 1.79
C SER A 547 11.08 -16.73 1.12
N PRO A 548 12.06 -17.37 1.77
CA PRO A 548 13.36 -17.53 1.09
C PRO A 548 13.22 -18.29 -0.23
N ALA A 549 12.30 -19.26 -0.30
CA ALA A 549 12.00 -19.92 -1.56
C ALA A 549 11.45 -18.93 -2.62
N ASP A 550 10.52 -18.06 -2.22
CA ASP A 550 10.00 -17.05 -3.14
C ASP A 550 11.13 -16.23 -3.71
N ALA A 551 12.06 -15.86 -2.84
CA ALA A 551 13.11 -14.93 -3.22
C ALA A 551 14.08 -15.59 -4.20
N LEU A 552 14.45 -16.83 -3.91
CA LEU A 552 15.29 -17.58 -4.84
C LEU A 552 14.63 -17.71 -6.21
N LEU A 553 13.37 -18.15 -6.22
CA LEU A 553 12.61 -18.31 -7.46
C LEU A 553 12.64 -17.07 -8.36
N THR A 554 12.35 -15.91 -7.77
CA THR A 554 12.31 -14.65 -8.49
C THR A 554 13.72 -14.27 -8.94
N PHE A 555 14.68 -14.51 -8.07
CA PHE A 555 16.10 -14.28 -8.34
C PHE A 555 16.57 -15.11 -9.53
N SER A 556 16.05 -16.33 -9.67
CA SER A 556 16.47 -17.20 -10.76
C SER A 556 15.96 -16.67 -12.07
N ARG A 557 14.86 -15.93 -11.97
CA ARG A 557 14.08 -15.55 -13.13
C ARG A 557 14.45 -14.16 -13.66
N LEU A 558 15.23 -13.43 -12.87
CA LEU A 558 15.58 -12.06 -13.24
C LEU A 558 17.08 -11.86 -13.42
N PRO A 559 17.47 -11.06 -14.40
CA PRO A 559 18.90 -10.81 -14.59
C PRO A 559 19.44 -9.84 -13.54
N ILE A 560 19.34 -10.26 -12.28
CA ILE A 560 19.84 -9.56 -11.10
C ILE A 560 21.26 -10.05 -10.86
N ASP A 561 22.09 -9.24 -10.21
CA ASP A 561 23.48 -9.63 -10.01
C ASP A 561 23.72 -10.52 -8.78
N ALA A 562 23.07 -10.20 -7.67
CA ALA A 562 23.23 -10.97 -6.47
C ALA A 562 21.94 -11.00 -5.66
N LEU A 563 21.88 -11.98 -4.74
CA LEU A 563 20.83 -12.08 -3.74
C LEU A 563 21.44 -12.22 -2.35
N ALA A 564 21.13 -11.26 -1.48
CA ALA A 564 21.55 -11.31 -0.10
C ALA A 564 20.34 -11.75 0.69
N VAL A 565 20.27 -13.04 1.02
CA VAL A 565 19.15 -13.56 1.77
C VAL A 565 19.62 -14.11 3.10
N GLY A 566 19.09 -13.55 4.18
CA GLY A 566 19.64 -13.78 5.50
C GLY A 566 21.11 -13.39 5.51
N PRO A 567 21.94 -14.18 6.20
CA PRO A 567 23.37 -13.88 6.23
C PRO A 567 24.09 -14.32 4.95
N TYR A 568 23.36 -14.83 3.97
CA TYR A 568 23.98 -15.46 2.80
C TYR A 568 23.93 -14.61 1.53
N LEU A 569 24.93 -14.78 0.69
CA LEU A 569 25.04 -14.04 -0.57
C LEU A 569 25.07 -15.00 -1.75
N VAL A 570 24.14 -14.84 -2.67
CA VAL A 570 24.10 -15.70 -3.85
C VAL A 570 24.42 -14.86 -5.10
N THR A 571 25.22 -15.42 -6.01
CA THR A 571 25.68 -14.62 -7.15
C THR A 571 25.27 -15.21 -8.49
N LYS A 572 25.07 -14.33 -9.46
CA LYS A 572 24.97 -14.70 -10.86
C LYS A 572 26.22 -14.18 -11.57
#